data_4NFP
#
_entry.id   4NFP
#
_cell.length_a   74.800
_cell.length_b   43.190
_cell.length_c   48.790
_cell.angle_alpha   90.00
_cell.angle_beta   120.82
_cell.angle_gamma   90.00
#
_symmetry.space_group_name_H-M   'C 1 2 1'
#
loop_
_entity.id
_entity.type
_entity.pdbx_description
1 polymer GCAG(A7E)CUUAAGUCUGC
2 non-polymer FORMAMIDE
3 water water
#
_entity_poly.entity_id   1
_entity_poly.type   'polyribonucleotide'
_entity_poly.pdbx_seq_one_letter_code
;GCAG(A7E)CUUAAGUCUGC
;
_entity_poly.pdbx_strand_id   A,B,C
#
loop_
_chem_comp.id
_chem_comp.type
_chem_comp.name
_chem_comp.formula
A RNA linking ADENOSINE-5'-MONOPHOSPHATE 'C10 H14 N5 O7 P'
A7E RNA linking 3-ethynyl-1-(5-O-phosphono-beta-D-ribofuranosyl)-1H-pyrazolo[3,4-d]pyrimidin-4-amine 'C12 H14 N5 O7 P'
C RNA linking CYTIDINE-5'-MONOPHOSPHATE 'C9 H14 N3 O8 P'
G RNA linking GUANOSINE-5'-MONOPHOSPHATE 'C10 H14 N5 O8 P'
U RNA linking URIDINE-5'-MONOPHOSPHATE 'C9 H13 N2 O9 P'
#
# COMPACT_ATOMS: atom_id res chain seq x y z
P A7E A 5 -7.43 -3.03 11.31
OP1 A7E A 5 -6.10 -3.77 11.24
OP2 A7E A 5 -7.38 -1.57 11.02
O5' A7E A 5 -8.08 -3.42 12.74
C5' A7E A 5 -9.24 -2.68 13.06
C4' A7E A 5 -9.77 -3.07 14.43
O4' A7E A 5 -10.37 -4.39 14.37
C1' A7E A 5 -10.08 -5.06 15.60
N9 A7E A 5 -9.09 -6.12 15.34
N8 A7E A 5 -8.28 -5.97 14.20
C7 A7E A 5 -7.45 -7.03 14.25
C24 A7E A 5 -6.52 -7.27 13.33
C25 A7E A 5 -5.63 -7.53 12.46
C5 A7E A 5 -7.70 -7.85 15.44
C6 A7E A 5 -7.21 -9.06 16.08
N6 A7E A 5 -6.21 -9.76 15.51
N1 A7E A 5 -7.82 -9.43 17.23
C2 A7E A 5 -8.82 -8.75 17.80
N3 A7E A 5 -9.30 -7.62 17.27
C4 A7E A 5 -8.79 -7.17 16.10
C2' A7E A 5 -9.46 -4.05 16.56
O2' A7E A 5 -10.42 -3.29 17.38
C3' A7E A 5 -8.76 -3.11 15.59
O3' A7E A 5 -8.46 -1.79 16.08
P A7E B 5 10.41 4.09 -7.25
OP1 A7E B 5 9.06 4.78 -7.24
OP2 A7E B 5 10.68 2.87 -8.08
O5' A7E B 5 10.78 3.67 -5.72
C5' A7E B 5 11.85 2.76 -5.62
C4' A7E B 5 12.09 2.36 -4.18
O4' A7E B 5 12.62 3.49 -3.46
C1' A7E B 5 12.06 3.47 -2.15
N9 A7E B 5 11.07 4.55 -2.01
N8 A7E B 5 10.50 5.06 -3.19
C7 A7E B 5 9.62 5.98 -2.77
C24 A7E B 5 8.85 6.75 -3.56
C25 A7E B 5 8.13 7.48 -4.32
C5 A7E B 5 9.60 6.06 -1.31
C6 A7E B 5 8.93 6.81 -0.26
N6 A7E B 5 8.00 7.74 -0.57
N1 A7E B 5 9.26 6.49 1.01
C2 A7E B 5 10.18 5.57 1.34
N3 A7E B 5 10.81 4.84 0.41
C4 A7E B 5 10.58 5.07 -0.90
C2' A7E B 5 11.31 2.14 -1.94
O2' A7E B 5 12.14 1.11 -1.34
C3' A7E B 5 10.87 1.85 -3.38
O3' A7E B 5 10.54 0.48 -3.71
P A7E C 5 0.46 -2.77 -12.45
OP1 A7E C 5 -0.10 -1.85 -11.38
OP2 A7E C 5 1.96 -2.88 -12.59
O5' A7E C 5 -0.15 -2.44 -13.87
C5' A7E C 5 -0.47 -1.14 -14.05
C4' A7E C 5 -1.20 -0.91 -15.35
O4' A7E C 5 -2.52 -1.44 -15.35
C1' A7E C 5 -3.39 -0.31 -15.41
N9 A7E C 5 -3.99 -0.15 -14.08
N8 A7E C 5 -3.31 -0.75 -13.01
C7 A7E C 5 -4.02 -0.42 -11.92
C24 A7E C 5 -3.70 -0.83 -10.71
C25 A7E C 5 -3.40 -1.22 -9.52
C5 A7E C 5 -5.17 0.42 -12.26
C6 A7E C 5 -6.29 1.10 -11.64
N6 A7E C 5 -6.46 1.00 -10.31
N1 A7E C 5 -7.12 1.79 -12.45
C2 A7E C 5 -6.95 1.87 -13.78
N3 A7E C 5 -5.94 1.29 -14.42
C4 A7E C 5 -5.06 0.55 -13.73
C2' A7E C 5 -2.59 0.96 -15.75
O2' A7E C 5 -2.55 1.29 -17.17
C3' A7E C 5 -1.25 0.58 -15.15
O3' A7E C 5 -0.05 1.23 -15.61
N ARF D . 11.52 -1.59 17.43
C ARF D . 11.33 -2.18 18.61
O ARF D . 10.93 -3.34 18.63
N ARF E . -9.28 0.53 -6.61
C ARF E . -9.11 0.30 -5.31
O ARF E . -8.95 1.27 -4.57
N ARF F . 6.06 12.06 0.29
C ARF F . 5.19 12.75 -0.45
O ARF F . 3.99 12.55 -0.28
#